data_6SFK
#
_entry.id   6SFK
#
_cell.length_a   65.689
_cell.length_b   76.250
_cell.length_c   78.530
_cell.angle_alpha   90.000
_cell.angle_beta   90.000
_cell.angle_gamma   90.000
#
_symmetry.space_group_name_H-M   'P 21 21 21'
#
loop_
_entity.id
_entity.type
_entity.pdbx_description
1 polymer 'Mitogen-activated protein kinase 14'
2 non-polymer 1,2-ETHANEDIOL
3 non-polymer ~{N}-[5-[[(2~{S})-1-azanyl-4-cyclohexyl-1-oxidanylidene-butan-2-yl]carbamoyl]-2-methyl-phenyl]-1-phenyl-5-(trifluoromethyl)pyrazole-4-carboxamide
4 water water
#
_entity_poly.entity_id   1
_entity_poly.type   'polypeptide(L)'
_entity_poly.pdbx_seq_one_letter_code
;GMSQERPTFYRQELNKTIWEVPERYQNLSPVGSGAYGSVCAAFDTKTGHRVAVKKLSRPFQSIIHAKRTYRELRLLKHMK
HENVIGLLDVFTPARSLEEFNDVYLVTHLMGADLNNIVKCQKLTDDHVQFLIYQILRGLKYIHSADIIHRDLKPSNLAVN
EDCELKILDFGLARHTDDEMTGYVATRWYRAPEIMLNWMHYNQTVDIWSVGCIMAELLTGRTLFPGTDHIDQLKLILRLV
GTPGAELLKKISSESARNYIQSLAQMPKMNFANVFIGANPLAVDLLEKMLVLDSDKRITAAQALAHAYFAQYHDPDDEPV
ADPYDQSFESRDLLIDEWKSLTYDEVISFVPPPLDQEEMES
;
_entity_poly.pdbx_strand_id   A
#
loop_
_chem_comp.id
_chem_comp.type
_chem_comp.name
_chem_comp.formula
EDO non-polymer 1,2-ETHANEDIOL 'C2 H6 O2'
LB8 non-polymer ~{N}-[5-[[(2~{S})-1-azanyl-4-cyclohexyl-1-oxidanylidene-butan-2-yl]carbamoyl]-2-methyl-phenyl]-1-phenyl-5-(trifluoromethyl)pyrazole-4-carboxamide 'C29 H32 F3 N5 O3'
#
# COMPACT_ATOMS: atom_id res chain seq x y z
N GLU A 5 17.22 -30.68 -3.70
CA GLU A 5 17.09 -31.16 -2.28
C GLU A 5 15.88 -30.49 -1.62
N ARG A 6 14.67 -30.92 -1.99
CA ARG A 6 13.39 -30.54 -1.33
C ARG A 6 13.55 -30.70 0.18
N PRO A 7 13.27 -29.65 0.98
CA PRO A 7 13.41 -29.75 2.42
C PRO A 7 12.36 -30.67 3.08
N THR A 8 12.54 -30.96 4.37
CA THR A 8 11.58 -31.73 5.21
C THR A 8 10.55 -30.79 5.84
N PHE A 9 9.27 -31.12 5.71
CA PHE A 9 8.10 -30.29 6.15
C PHE A 9 7.53 -30.85 7.45
N TYR A 10 6.74 -30.07 8.19
CA TYR A 10 5.99 -30.52 9.39
C TYR A 10 4.64 -29.79 9.45
N ARG A 11 3.68 -30.34 10.21
CA ARG A 11 2.25 -29.95 10.15
C ARG A 11 1.81 -29.50 11.56
N GLN A 12 0.89 -28.51 11.65
CA GLN A 12 0.14 -28.15 12.91
C GLN A 12 -1.16 -27.41 12.58
N GLU A 13 -1.99 -27.18 13.60
CA GLU A 13 -3.26 -26.40 13.48
C GLU A 13 -3.13 -25.10 14.28
N LEU A 14 -3.49 -23.98 13.65
CA LEU A 14 -3.47 -22.61 14.22
C LEU A 14 -4.77 -21.87 13.84
N ASN A 15 -5.55 -21.45 14.86
CA ASN A 15 -6.81 -20.67 14.73
C ASN A 15 -7.72 -21.31 13.66
N LYS A 16 -7.83 -22.64 13.71
CA LYS A 16 -8.72 -23.45 12.84
C LYS A 16 -8.04 -23.73 11.50
N THR A 17 -6.86 -23.14 11.25
CA THR A 17 -6.13 -23.32 9.98
C THR A 17 -5.00 -24.34 10.17
N ILE A 18 -4.85 -25.27 9.22
CA ILE A 18 -3.69 -26.19 9.09
C ILE A 18 -2.50 -25.47 8.38
N TRP A 19 -1.29 -25.60 8.94
CA TRP A 19 -0.01 -25.05 8.39
C TRP A 19 1.01 -26.20 8.18
N GLU A 20 1.51 -26.36 6.95
CA GLU A 20 2.61 -27.29 6.60
C GLU A 20 3.80 -26.53 6.03
N VAL A 21 4.92 -26.47 6.77
CA VAL A 21 6.09 -25.61 6.45
C VAL A 21 7.39 -26.39 6.61
N PRO A 22 8.48 -25.99 5.91
CA PRO A 22 9.78 -26.61 6.09
C PRO A 22 10.36 -26.39 7.49
N GLU A 23 11.24 -27.32 7.91
CA GLU A 23 11.84 -27.33 9.27
C GLU A 23 12.65 -26.08 9.52
N ARG A 24 13.19 -25.47 8.45
CA ARG A 24 13.84 -24.13 8.48
C ARG A 24 13.06 -23.17 9.39
N TYR A 25 11.71 -23.18 9.40
CA TYR A 25 10.86 -22.13 10.05
C TYR A 25 10.27 -22.71 11.35
N GLN A 26 10.59 -22.09 12.50
CA GLN A 26 10.28 -22.64 13.85
C GLN A 26 9.38 -21.69 14.64
N ASN A 27 8.68 -22.20 15.65
CA ASN A 27 7.91 -21.41 16.66
C ASN A 27 6.94 -20.42 15.98
N LEU A 28 5.98 -20.94 15.20
CA LEU A 28 4.97 -20.12 14.48
C LEU A 28 3.90 -19.63 15.47
N SER A 29 3.55 -18.35 15.46
CA SER A 29 2.44 -17.79 16.26
C SER A 29 1.64 -16.78 15.44
N PRO A 30 0.31 -16.80 15.57
CA PRO A 30 -0.56 -15.99 14.72
C PRO A 30 -0.31 -14.50 14.95
N VAL A 31 -0.21 -13.75 13.88
CA VAL A 31 -0.19 -12.26 13.91
C VAL A 31 -1.56 -11.75 13.53
N GLY A 32 -2.13 -12.21 12.41
CA GLY A 32 -3.39 -11.65 11.85
C GLY A 32 -4.04 -12.52 10.78
N SER A 33 -5.33 -12.38 10.61
CA SER A 33 -6.11 -13.08 9.56
C SER A 33 -6.87 -12.04 8.76
N GLY A 34 -7.02 -12.27 7.45
CA GLY A 34 -7.70 -11.35 6.54
C GLY A 34 -8.58 -12.08 5.55
N ALA A 35 -9.07 -11.35 4.55
CA ALA A 35 -9.95 -11.81 3.47
C ALA A 35 -9.29 -12.96 2.69
N TYR A 36 -7.98 -12.86 2.41
CA TYR A 36 -7.29 -13.66 1.35
C TYR A 36 -6.14 -14.50 1.93
N GLY A 37 -5.86 -14.38 3.24
CA GLY A 37 -4.92 -15.31 3.91
C GLY A 37 -4.65 -14.90 5.34
N SER A 38 -3.86 -15.70 6.04
CA SER A 38 -3.49 -15.42 7.45
C SER A 38 -1.96 -15.43 7.59
N VAL A 39 -1.45 -14.65 8.53
CA VAL A 39 0.02 -14.48 8.75
C VAL A 39 0.40 -14.98 10.14
N CYS A 40 1.55 -15.65 10.19
CA CYS A 40 2.28 -16.02 11.44
C CYS A 40 3.65 -15.38 11.45
N ALA A 41 4.15 -15.07 12.64
CA ALA A 41 5.57 -14.81 12.92
C ALA A 41 6.26 -16.17 13.10
N ALA A 42 7.51 -16.30 12.61
CA ALA A 42 8.34 -17.51 12.72
C ALA A 42 9.80 -17.09 12.94
N PHE A 43 10.61 -18.00 13.41
CA PHE A 43 12.08 -17.86 13.49
C PHE A 43 12.68 -18.65 12.31
N ASP A 44 13.50 -18.00 11.50
CA ASP A 44 14.21 -18.58 10.34
C ASP A 44 15.57 -19.10 10.83
N THR A 45 15.73 -20.42 10.95
CA THR A 45 16.96 -21.07 11.48
C THR A 45 18.14 -20.78 10.52
N LYS A 46 17.91 -20.49 9.24
CA LYS A 46 19.02 -20.35 8.29
C LYS A 46 19.67 -18.94 8.44
N THR A 47 18.91 -17.92 8.85
CA THR A 47 19.43 -16.53 8.99
C THR A 47 19.47 -16.06 10.45
N GLY A 48 18.81 -16.77 11.39
CA GLY A 48 18.62 -16.30 12.78
C GLY A 48 17.79 -15.02 12.91
N HIS A 49 16.95 -14.69 11.92
CA HIS A 49 16.05 -13.49 11.94
C HIS A 49 14.58 -13.92 12.10
N ARG A 50 13.74 -13.05 12.65
CA ARG A 50 12.28 -13.25 12.70
C ARG A 50 11.74 -13.00 11.29
N VAL A 51 10.76 -13.78 10.85
CA VAL A 51 10.06 -13.55 9.53
C VAL A 51 8.53 -13.60 9.69
N ALA A 52 7.80 -13.14 8.65
CA ALA A 52 6.34 -13.28 8.50
C ALA A 52 6.09 -14.29 7.39
N VAL A 53 5.22 -15.27 7.66
CA VAL A 53 4.80 -16.33 6.72
C VAL A 53 3.29 -16.17 6.50
N LYS A 54 2.88 -15.98 5.25
CA LYS A 54 1.46 -15.84 4.85
C LYS A 54 1.01 -17.11 4.12
N LYS A 55 -0.07 -17.74 4.59
CA LYS A 55 -0.70 -18.91 3.92
C LYS A 55 -1.95 -18.41 3.20
N LEU A 56 -1.95 -18.45 1.88
CA LEU A 56 -3.11 -17.93 1.09
C LEU A 56 -4.34 -18.80 1.36
N SER A 57 -5.52 -18.17 1.43
CA SER A 57 -6.82 -18.86 1.70
C SER A 57 -7.44 -19.30 0.38
N ARG A 58 -7.58 -20.62 0.17
CA ARG A 58 -8.28 -21.25 -0.99
C ARG A 58 -7.80 -20.65 -2.31
N PRO A 59 -6.49 -20.74 -2.62
CA PRO A 59 -5.88 -19.89 -3.65
C PRO A 59 -6.37 -20.18 -5.07
N PHE A 60 -6.94 -21.37 -5.30
CA PHE A 60 -7.35 -21.85 -6.66
C PHE A 60 -8.81 -22.31 -6.67
N GLN A 61 -9.64 -21.75 -5.83
CA GLN A 61 -11.08 -22.15 -5.67
C GLN A 61 -11.93 -21.64 -6.86
N SER A 62 -11.61 -20.49 -7.41
CA SER A 62 -12.31 -19.84 -8.54
C SER A 62 -11.31 -19.21 -9.51
N ILE A 63 -11.77 -18.77 -10.69
CA ILE A 63 -10.91 -17.96 -11.64
C ILE A 63 -10.39 -16.73 -10.90
N ILE A 64 -11.24 -16.04 -10.14
CA ILE A 64 -10.86 -14.74 -9.54
C ILE A 64 -9.79 -14.93 -8.45
N HIS A 65 -9.97 -15.93 -7.56
CA HIS A 65 -8.97 -16.35 -6.55
C HIS A 65 -7.68 -16.71 -7.27
N ALA A 66 -7.74 -17.48 -8.35
CA ALA A 66 -6.50 -17.97 -9.02
C ALA A 66 -5.72 -16.79 -9.62
N LYS A 67 -6.42 -15.81 -10.21
CA LYS A 67 -5.75 -14.64 -10.83
C LYS A 67 -5.16 -13.76 -9.72
N ARG A 68 -5.87 -13.63 -8.60
CA ARG A 68 -5.38 -12.79 -7.49
C ARG A 68 -4.10 -13.41 -6.89
N THR A 69 -4.07 -14.72 -6.74
CA THR A 69 -2.91 -15.50 -6.27
C THR A 69 -1.71 -15.20 -7.20
N TYR A 70 -1.91 -15.35 -8.50
CA TYR A 70 -0.84 -15.10 -9.51
C TYR A 70 -0.33 -13.65 -9.37
N ARG A 71 -1.27 -12.69 -9.27
CA ARG A 71 -0.96 -11.24 -9.17
C ARG A 71 -0.09 -10.99 -7.93
N GLU A 72 -0.49 -11.50 -6.75
CA GLU A 72 0.30 -11.24 -5.52
C GLU A 72 1.73 -11.84 -5.67
N LEU A 73 1.88 -13.05 -6.17
CA LEU A 73 3.25 -13.62 -6.36
C LEU A 73 4.07 -12.80 -7.39
N ARG A 74 3.51 -12.40 -8.53
CA ARG A 74 4.22 -11.60 -9.55
C ARG A 74 4.67 -10.28 -8.93
N LEU A 75 3.81 -9.59 -8.15
CA LEU A 75 4.17 -8.28 -7.56
C LEU A 75 5.31 -8.50 -6.53
N LEU A 76 5.17 -9.51 -5.66
CA LEU A 76 6.18 -9.75 -4.59
C LEU A 76 7.51 -10.10 -5.22
N LYS A 77 7.54 -10.90 -6.28
CA LYS A 77 8.83 -11.31 -6.92
C LYS A 77 9.52 -10.09 -7.54
N HIS A 78 8.77 -9.07 -7.94
CA HIS A 78 9.33 -7.85 -8.59
C HIS A 78 10.07 -6.95 -7.57
N MET A 79 9.62 -6.86 -6.32
CA MET A 79 9.99 -5.73 -5.41
C MET A 79 11.40 -5.89 -4.84
N LYS A 80 12.34 -4.99 -5.22
CA LYS A 80 13.74 -4.97 -4.75
C LYS A 80 14.07 -3.54 -4.32
N HIS A 81 13.51 -3.07 -3.18
CA HIS A 81 13.67 -1.68 -2.66
C HIS A 81 13.54 -1.71 -1.14
N GLU A 82 14.38 -0.91 -0.46
CA GLU A 82 14.49 -0.78 1.02
C GLU A 82 13.15 -0.40 1.67
N ASN A 83 12.27 0.39 1.00
CA ASN A 83 11.01 0.95 1.56
C ASN A 83 9.77 0.19 1.01
N VAL A 84 9.98 -0.98 0.37
CA VAL A 84 8.87 -1.83 -0.12
C VAL A 84 9.09 -3.26 0.41
N ILE A 85 8.02 -3.93 0.78
CA ILE A 85 8.08 -5.32 1.31
C ILE A 85 8.72 -6.18 0.20
N GLY A 86 9.58 -7.11 0.62
CA GLY A 86 10.30 -8.01 -0.30
C GLY A 86 10.05 -9.50 -0.02
N LEU A 87 10.23 -10.34 -1.04
CA LEU A 87 10.00 -11.81 -0.95
C LEU A 87 11.32 -12.52 -0.56
N LEU A 88 11.36 -13.12 0.62
CA LEU A 88 12.54 -13.89 1.13
C LEU A 88 12.42 -15.34 0.71
N ASP A 89 11.19 -15.85 0.53
CA ASP A 89 10.91 -17.25 0.17
C ASP A 89 9.45 -17.41 -0.28
N VAL A 90 9.21 -18.42 -1.10
CA VAL A 90 7.85 -18.88 -1.49
C VAL A 90 7.92 -20.40 -1.59
N PHE A 91 7.01 -21.11 -0.98
CA PHE A 91 7.03 -22.61 -1.01
C PHE A 91 5.63 -23.19 -1.08
N THR A 92 5.57 -24.48 -1.47
CA THR A 92 4.37 -25.35 -1.35
C THR A 92 4.83 -26.74 -0.93
N PRO A 93 4.07 -27.45 -0.07
CA PRO A 93 4.39 -28.85 0.22
C PRO A 93 4.19 -29.79 -0.97
N ALA A 94 3.51 -29.35 -2.04
CA ALA A 94 3.22 -30.14 -3.24
C ALA A 94 4.51 -30.51 -4.00
N ARG A 95 4.58 -31.76 -4.48
CA ARG A 95 5.74 -32.29 -5.24
C ARG A 95 5.51 -32.22 -6.76
N SER A 96 4.32 -31.87 -7.21
CA SER A 96 3.96 -31.86 -8.67
C SER A 96 2.91 -30.78 -8.91
N LEU A 97 2.77 -30.32 -10.14
CA LEU A 97 1.62 -29.46 -10.57
C LEU A 97 0.32 -30.12 -10.11
N GLU A 98 0.27 -31.46 -10.19
CA GLU A 98 -0.99 -32.23 -10.01
C GLU A 98 -1.50 -32.04 -8.56
N GLU A 99 -0.62 -32.17 -7.57
CA GLU A 99 -0.89 -31.99 -6.11
C GLU A 99 -0.94 -30.50 -5.70
N PHE A 100 -0.43 -29.58 -6.51
CA PHE A 100 -0.27 -28.14 -6.11
C PHE A 100 -1.61 -27.53 -5.68
N ASN A 101 -1.81 -27.24 -4.39
CA ASN A 101 -3.07 -26.59 -3.94
C ASN A 101 -2.87 -25.56 -2.79
N ASP A 102 -1.64 -25.34 -2.32
CA ASP A 102 -1.35 -24.39 -1.21
C ASP A 102 -0.12 -23.56 -1.59
N VAL A 103 -0.14 -22.26 -1.23
CA VAL A 103 0.96 -21.28 -1.47
C VAL A 103 1.28 -20.53 -0.18
N TYR A 104 2.55 -20.54 0.22
CA TYR A 104 3.06 -19.80 1.39
C TYR A 104 4.11 -18.80 0.92
N LEU A 105 4.03 -17.58 1.49
CA LEU A 105 4.89 -16.43 1.11
C LEU A 105 5.63 -15.94 2.38
N VAL A 106 6.96 -15.69 2.31
CA VAL A 106 7.79 -15.27 3.47
C VAL A 106 8.41 -13.88 3.20
N THR A 107 8.24 -12.96 4.15
CA THR A 107 8.84 -11.58 4.10
C THR A 107 9.58 -11.28 5.40
N HIS A 108 10.21 -10.10 5.52
CA HIS A 108 10.61 -9.59 6.86
C HIS A 108 9.41 -9.44 7.79
N LEU A 109 9.61 -9.64 9.07
CA LEU A 109 8.63 -9.31 10.12
C LEU A 109 8.92 -7.89 10.61
N MET A 110 7.96 -6.96 10.45
CA MET A 110 8.09 -5.56 10.99
C MET A 110 7.58 -5.48 12.46
N GLY A 111 7.96 -4.42 13.21
CA GLY A 111 7.65 -4.25 14.66
C GLY A 111 6.25 -3.71 14.92
N ALA A 112 5.75 -2.75 14.12
CA ALA A 112 4.41 -2.12 14.32
C ALA A 112 3.95 -1.47 13.01
N ASP A 113 2.73 -0.99 12.97
CA ASP A 113 2.23 -0.18 11.81
C ASP A 113 1.95 1.26 12.29
N LEU A 114 1.59 2.16 11.39
CA LEU A 114 1.37 3.57 11.76
C LEU A 114 -0.03 3.76 12.37
N ASN A 115 -0.90 2.76 12.33
CA ASN A 115 -2.24 2.87 12.95
C ASN A 115 -2.03 2.77 14.46
N ASN A 116 -1.39 1.65 14.87
CA ASN A 116 -0.89 1.42 16.25
CA ASN A 116 -0.85 1.43 16.25
C ASN A 116 -0.22 2.72 16.77
N ILE A 117 0.75 3.24 16.02
CA ILE A 117 1.68 4.34 16.47
C ILE A 117 0.89 5.67 16.62
N VAL A 118 0.06 6.06 15.67
CA VAL A 118 -0.68 7.37 15.76
C VAL A 118 -1.78 7.25 16.84
N LYS A 119 -2.45 6.08 17.00
CA LYS A 119 -3.50 5.84 18.04
C LYS A 119 -2.96 6.14 19.45
N CYS A 120 -1.68 5.82 19.72
CA CYS A 120 -0.91 6.19 20.95
C CYS A 120 -0.99 7.71 21.18
N GLN A 121 -0.36 8.50 20.31
CA GLN A 121 -0.46 10.00 20.25
C GLN A 121 0.05 10.47 18.87
N LYS A 122 -0.07 11.77 18.58
CA LYS A 122 0.51 12.41 17.37
C LYS A 122 2.06 12.42 17.44
N LEU A 123 2.74 12.60 16.29
CA LEU A 123 4.23 12.44 16.18
C LEU A 123 4.90 13.79 16.12
N THR A 124 6.19 13.85 16.47
CA THR A 124 7.03 15.08 16.29
C THR A 124 7.20 15.38 14.80
N ASP A 125 7.51 16.64 14.46
CA ASP A 125 7.77 17.08 13.05
C ASP A 125 8.97 16.29 12.50
N ASP A 126 10.07 16.10 13.27
CA ASP A 126 11.25 15.34 12.77
C ASP A 126 10.85 13.89 12.41
N HIS A 127 9.98 13.23 13.20
CA HIS A 127 9.57 11.83 12.90
CA HIS A 127 9.55 11.83 12.93
C HIS A 127 8.70 11.82 11.65
N VAL A 128 7.81 12.82 11.49
CA VAL A 128 6.94 12.91 10.28
C VAL A 128 7.83 13.07 9.03
N GLN A 129 8.87 13.95 9.07
CA GLN A 129 9.72 14.22 7.90
C GLN A 129 10.30 12.89 7.42
N PHE A 130 10.87 12.11 8.35
CA PHE A 130 11.59 10.84 8.02
C PHE A 130 10.57 9.79 7.50
N LEU A 131 9.40 9.65 8.13
CA LEU A 131 8.40 8.61 7.73
C LEU A 131 7.86 8.97 6.33
N ILE A 132 7.41 10.21 6.11
CA ILE A 132 6.84 10.56 4.79
C ILE A 132 7.95 10.52 3.71
N TYR A 133 9.19 10.87 4.02
CA TYR A 133 10.30 10.76 3.03
C TYR A 133 10.40 9.30 2.54
N GLN A 134 10.38 8.34 3.47
CA GLN A 134 10.58 6.89 3.16
C GLN A 134 9.39 6.37 2.32
N ILE A 135 8.17 6.80 2.64
CA ILE A 135 6.93 6.46 1.84
C ILE A 135 7.10 6.96 0.40
N LEU A 136 7.50 8.22 0.20
CA LEU A 136 7.63 8.79 -1.15
C LEU A 136 8.77 8.13 -1.93
N ARG A 137 9.84 7.72 -1.27
CA ARG A 137 10.98 7.03 -1.91
C ARG A 137 10.51 5.63 -2.40
N GLY A 138 9.70 4.96 -1.60
CA GLY A 138 9.07 3.68 -2.02
C GLY A 138 8.12 3.88 -3.19
N LEU A 139 7.29 4.93 -3.12
CA LEU A 139 6.28 5.19 -4.18
C LEU A 139 7.00 5.58 -5.46
N LYS A 140 8.08 6.37 -5.41
CA LYS A 140 8.82 6.72 -6.67
C LYS A 140 9.17 5.42 -7.39
N TYR A 141 9.68 4.42 -6.64
CA TYR A 141 10.08 3.09 -7.13
C TYR A 141 8.86 2.39 -7.75
N ILE A 142 7.78 2.16 -7.03
CA ILE A 142 6.65 1.32 -7.59
C ILE A 142 5.97 2.08 -8.73
N HIS A 143 5.83 3.40 -8.61
CA HIS A 143 5.21 4.21 -9.69
C HIS A 143 6.03 4.15 -11.00
N SER A 144 7.34 4.02 -10.90
CA SER A 144 8.26 3.99 -12.06
C SER A 144 8.01 2.73 -12.88
N ALA A 145 7.43 1.68 -12.29
CA ALA A 145 7.08 0.42 -12.98
C ALA A 145 5.61 0.42 -13.40
N ASP A 146 4.90 1.54 -13.23
CA ASP A 146 3.44 1.67 -13.49
C ASP A 146 2.66 0.73 -12.58
N ILE A 147 3.15 0.51 -11.35
CA ILE A 147 2.43 -0.20 -10.25
C ILE A 147 1.80 0.86 -9.33
N ILE A 148 0.48 0.80 -9.12
CA ILE A 148 -0.27 1.72 -8.21
C ILE A 148 -0.71 0.91 -7.01
N HIS A 149 -0.49 1.43 -5.80
CA HIS A 149 -0.89 0.69 -4.55
C HIS A 149 -2.43 0.66 -4.43
N ARG A 150 -3.06 1.84 -4.48
CA ARG A 150 -4.52 2.06 -4.50
C ARG A 150 -5.15 1.92 -3.12
N ASP A 151 -4.45 1.41 -2.10
CA ASP A 151 -5.10 1.21 -0.77
C ASP A 151 -4.16 1.67 0.34
N LEU A 152 -3.50 2.81 0.18
CA LEU A 152 -2.58 3.28 1.24
C LEU A 152 -3.43 3.77 2.43
N LYS A 153 -3.01 3.40 3.63
CA LYS A 153 -3.66 3.79 4.91
C LYS A 153 -2.67 3.41 5.99
N PRO A 154 -2.80 3.93 7.22
CA PRO A 154 -1.75 3.75 8.22
C PRO A 154 -1.42 2.27 8.54
N SER A 155 -2.39 1.38 8.45
CA SER A 155 -2.20 -0.08 8.74
C SER A 155 -1.37 -0.78 7.64
N ASN A 156 -1.15 -0.15 6.46
CA ASN A 156 -0.35 -0.72 5.33
C ASN A 156 1.10 -0.18 5.34
N LEU A 157 1.49 0.56 6.36
CA LEU A 157 2.83 1.17 6.50
C LEU A 157 3.44 0.65 7.81
N ALA A 158 4.48 -0.15 7.70
CA ALA A 158 5.04 -0.94 8.83
C ALA A 158 6.44 -0.41 9.13
N VAL A 159 6.81 -0.33 10.42
CA VAL A 159 8.05 0.33 10.85
C VAL A 159 8.73 -0.56 11.92
N ASN A 160 10.06 -0.47 12.02
CA ASN A 160 10.84 -1.05 13.14
C ASN A 160 11.19 0.01 14.17
N GLU A 161 11.89 -0.37 15.25
CA GLU A 161 12.14 0.56 16.40
C GLU A 161 13.06 1.71 15.94
N ASP A 162 13.92 1.45 14.95
CA ASP A 162 14.81 2.52 14.37
C ASP A 162 14.08 3.36 13.31
N CYS A 163 12.76 3.24 13.20
CA CYS A 163 11.90 4.06 12.33
C CYS A 163 12.12 3.71 10.86
N GLU A 164 12.78 2.59 10.52
CA GLU A 164 12.87 2.12 9.10
C GLU A 164 11.47 1.62 8.64
N LEU A 165 10.98 2.10 7.49
CA LEU A 165 9.57 1.89 7.04
C LEU A 165 9.54 1.00 5.77
N LYS A 166 8.54 0.11 5.65
CA LYS A 166 8.20 -0.65 4.43
C LYS A 166 6.70 -0.52 4.13
N ILE A 167 6.38 -0.25 2.86
CA ILE A 167 5.01 -0.28 2.30
C ILE A 167 4.63 -1.76 2.07
N LEU A 168 3.48 -2.18 2.56
CA LEU A 168 2.94 -3.53 2.27
C LEU A 168 1.44 -3.43 1.91
N ASP A 169 0.80 -4.55 1.62
CA ASP A 169 -0.71 -4.59 1.55
C ASP A 169 -1.16 -5.85 2.27
N PHE A 170 -1.80 -5.69 3.42
CA PHE A 170 -2.29 -6.83 4.24
C PHE A 170 -3.56 -7.39 3.59
N GLY A 171 -4.41 -6.52 3.05
CA GLY A 171 -5.61 -6.89 2.24
C GLY A 171 -6.88 -7.03 3.07
N LEU A 172 -6.97 -6.31 4.21
CA LEU A 172 -8.18 -6.20 5.09
C LEU A 172 -9.23 -7.28 4.74
N VAL A 184 -11.39 1.28 10.71
CA VAL A 184 -10.62 2.19 9.78
C VAL A 184 -11.05 1.92 8.34
N ALA A 185 -11.67 2.91 7.68
CA ALA A 185 -12.24 2.74 6.33
C ALA A 185 -11.23 3.21 5.25
N THR A 186 -11.10 2.42 4.18
CA THR A 186 -10.33 2.75 2.98
C THR A 186 -10.83 4.09 2.43
N ARG A 187 -12.15 4.32 2.44
CA ARG A 187 -12.74 5.52 1.81
C ARG A 187 -12.15 6.80 2.45
N TRP A 188 -11.69 6.74 3.69
CA TRP A 188 -11.09 7.92 4.42
C TRP A 188 -9.81 8.43 3.73
N TYR A 189 -9.12 7.58 2.95
CA TYR A 189 -7.80 7.87 2.35
C TYR A 189 -7.89 7.86 0.82
N ARG A 190 -9.09 7.74 0.23
CA ARG A 190 -9.19 7.46 -1.21
C ARG A 190 -9.35 8.75 -2.01
N ALA A 191 -8.64 8.84 -3.13
CA ALA A 191 -8.63 10.04 -4.04
C ALA A 191 -10.05 10.26 -4.58
N PRO A 192 -10.60 11.51 -4.56
CA PRO A 192 -11.96 11.74 -5.04
C PRO A 192 -12.22 11.23 -6.49
N GLU A 193 -11.23 11.16 -7.37
CA GLU A 193 -11.45 10.79 -8.79
C GLU A 193 -11.63 9.27 -8.98
N ILE A 194 -11.07 8.45 -8.10
CA ILE A 194 -11.11 6.96 -8.21
C ILE A 194 -12.26 6.46 -7.35
N MET A 195 -12.61 7.20 -6.30
CA MET A 195 -13.75 6.85 -5.42
C MET A 195 -15.06 7.08 -6.17
N LEU A 196 -15.09 8.06 -7.06
CA LEU A 196 -16.34 8.57 -7.66
C LEU A 196 -16.35 8.32 -9.18
N ASN A 197 -15.25 7.78 -9.72
CA ASN A 197 -15.04 7.46 -11.15
C ASN A 197 -15.26 8.72 -12.03
N TRP A 198 -14.77 9.91 -11.65
CA TRP A 198 -15.33 11.18 -12.21
C TRP A 198 -14.33 11.90 -13.16
N MET A 199 -13.18 11.30 -13.42
CA MET A 199 -12.07 11.92 -14.18
C MET A 199 -10.97 10.84 -14.38
N HIS A 200 -10.18 10.94 -15.47
CA HIS A 200 -8.97 10.09 -15.71
C HIS A 200 -8.07 10.08 -14.45
N TYR A 201 -7.53 8.90 -14.07
CA TYR A 201 -6.76 8.71 -12.80
C TYR A 201 -5.42 8.02 -13.07
N ASN A 202 -4.35 8.50 -12.43
CA ASN A 202 -2.96 8.08 -12.69
C ASN A 202 -2.36 7.63 -11.33
N GLN A 203 -1.05 7.47 -11.27
CA GLN A 203 -0.31 7.06 -10.05
C GLN A 203 -0.65 8.07 -8.91
N THR A 204 -1.10 9.32 -9.20
CA THR A 204 -1.20 10.33 -8.11
C THR A 204 -2.44 10.09 -7.23
N VAL A 205 -3.30 9.05 -7.46
CA VAL A 205 -4.32 8.61 -6.43
C VAL A 205 -3.55 8.27 -5.13
N ASP A 206 -2.35 7.73 -5.26
CA ASP A 206 -1.57 7.32 -4.07
C ASP A 206 -1.02 8.59 -3.33
N ILE A 207 -0.73 9.66 -4.06
CA ILE A 207 -0.23 10.93 -3.42
C ILE A 207 -1.38 11.59 -2.60
N TRP A 208 -2.64 11.53 -3.06
CA TRP A 208 -3.80 11.92 -2.22
C TRP A 208 -3.80 11.18 -0.88
N SER A 209 -3.63 9.86 -0.89
CA SER A 209 -3.60 9.03 0.33
C SER A 209 -2.45 9.51 1.23
N VAL A 210 -1.26 9.73 0.69
CA VAL A 210 -0.10 10.20 1.49
C VAL A 210 -0.45 11.52 2.20
N GLY A 211 -1.07 12.46 1.51
CA GLY A 211 -1.45 13.75 2.12
C GLY A 211 -2.40 13.52 3.30
N CYS A 212 -3.38 12.64 3.18
CA CYS A 212 -4.34 12.31 4.26
C CYS A 212 -3.54 11.71 5.46
N ILE A 213 -2.66 10.76 5.17
CA ILE A 213 -1.81 10.10 6.22
C ILE A 213 -0.91 11.16 6.92
N MET A 214 -0.21 11.99 6.17
CA MET A 214 0.72 13.01 6.77
C MET A 214 -0.07 13.96 7.71
N ALA A 215 -1.23 14.48 7.27
CA ALA A 215 -2.15 15.31 8.11
C ALA A 215 -2.44 14.58 9.46
N GLU A 216 -2.83 13.31 9.39
CA GLU A 216 -3.19 12.49 10.58
C GLU A 216 -1.96 12.28 11.48
N LEU A 217 -0.77 12.07 10.91
CA LEU A 217 0.46 11.90 11.77
C LEU A 217 0.72 13.21 12.51
N LEU A 218 0.47 14.35 11.86
CA LEU A 218 0.76 15.70 12.45
C LEU A 218 -0.26 16.12 13.52
N THR A 219 -1.57 15.87 13.29
CA THR A 219 -2.68 16.31 14.17
C THR A 219 -3.11 15.22 15.17
N GLY A 220 -2.86 13.93 14.91
CA GLY A 220 -3.45 12.81 15.69
C GLY A 220 -4.94 12.53 15.35
N ARG A 221 -5.49 13.13 14.28
CA ARG A 221 -6.93 13.06 13.92
C ARG A 221 -7.10 12.66 12.46
N THR A 222 -8.06 11.77 12.15
CA THR A 222 -8.42 11.44 10.76
C THR A 222 -8.80 12.75 10.09
N LEU A 223 -8.20 13.08 8.97
CA LEU A 223 -8.54 14.35 8.26
C LEU A 223 -10.02 14.31 7.77
N PHE A 224 -10.42 13.27 7.03
CA PHE A 224 -11.75 13.19 6.34
C PHE A 224 -12.48 11.88 6.71
N PRO A 225 -13.08 11.81 7.93
CA PRO A 225 -13.71 10.55 8.37
C PRO A 225 -15.18 10.39 7.90
N GLY A 226 -15.39 10.26 6.60
CA GLY A 226 -16.74 10.19 5.99
C GLY A 226 -17.47 8.88 6.36
N THR A 227 -18.81 8.93 6.42
CA THR A 227 -19.66 7.73 6.75
C THR A 227 -20.01 6.92 5.50
N ASP A 228 -19.96 7.55 4.33
CA ASP A 228 -20.27 6.95 3.01
C ASP A 228 -19.55 7.76 1.95
N HIS A 229 -19.73 7.46 0.68
CA HIS A 229 -19.08 8.17 -0.45
C HIS A 229 -19.57 9.63 -0.59
N ILE A 230 -20.83 9.90 -0.25
CA ILE A 230 -21.44 11.27 -0.36
C ILE A 230 -20.92 12.15 0.78
N ASP A 231 -20.99 11.67 2.00
CA ASP A 231 -20.46 12.39 3.18
C ASP A 231 -18.93 12.64 3.01
N GLN A 232 -18.20 11.65 2.49
CA GLN A 232 -16.73 11.73 2.21
C GLN A 232 -16.49 12.91 1.25
N LEU A 233 -17.25 13.01 0.17
CA LEU A 233 -17.02 14.09 -0.80
C LEU A 233 -17.34 15.44 -0.12
N LYS A 234 -18.40 15.51 0.66
CA LYS A 234 -18.79 16.76 1.39
C LYS A 234 -17.62 17.23 2.31
N LEU A 235 -17.01 16.33 3.08
CA LEU A 235 -15.90 16.69 3.99
C LEU A 235 -14.70 17.15 3.18
N ILE A 236 -14.41 16.51 2.06
CA ILE A 236 -13.24 16.91 1.23
C ILE A 236 -13.47 18.34 0.67
N LEU A 237 -14.64 18.58 0.11
CA LEU A 237 -14.92 19.89 -0.58
C LEU A 237 -14.90 21.05 0.42
N ARG A 238 -15.20 20.80 1.69
CA ARG A 238 -15.18 21.83 2.77
C ARG A 238 -13.73 22.35 2.95
N LEU A 239 -12.74 21.48 2.83
CA LEU A 239 -11.30 21.91 2.87
C LEU A 239 -10.85 22.52 1.52
N VAL A 240 -10.96 21.78 0.40
CA VAL A 240 -10.26 22.10 -0.88
C VAL A 240 -11.15 23.01 -1.76
N GLY A 241 -12.45 23.15 -1.47
CA GLY A 241 -13.39 23.99 -2.23
C GLY A 241 -14.03 23.22 -3.39
N THR A 242 -15.24 23.60 -3.80
CA THR A 242 -15.94 23.00 -4.96
C THR A 242 -15.11 23.23 -6.24
N PRO A 243 -15.15 22.28 -7.20
CA PRO A 243 -14.42 22.46 -8.46
C PRO A 243 -14.78 23.78 -9.14
N GLY A 244 -13.79 24.49 -9.69
CA GLY A 244 -14.02 25.66 -10.55
C GLY A 244 -14.36 25.23 -11.98
N ALA A 245 -14.68 26.17 -12.87
CA ALA A 245 -15.01 25.91 -14.30
C ALA A 245 -13.84 25.16 -14.96
N GLU A 246 -12.59 25.41 -14.58
CA GLU A 246 -11.43 24.83 -15.33
C GLU A 246 -11.34 23.34 -15.02
N LEU A 247 -11.63 22.91 -13.79
CA LEU A 247 -11.66 21.47 -13.47
C LEU A 247 -12.96 20.82 -13.99
N LEU A 248 -14.09 21.54 -13.94
CA LEU A 248 -15.38 20.99 -14.41
C LEU A 248 -15.27 20.59 -15.89
N LYS A 249 -14.39 21.25 -16.66
CA LYS A 249 -14.19 20.99 -18.11
C LYS A 249 -13.72 19.55 -18.32
N LYS A 250 -13.05 18.97 -17.33
CA LYS A 250 -12.32 17.67 -17.46
C LYS A 250 -13.14 16.51 -16.91
N ILE A 251 -14.39 16.75 -16.48
CA ILE A 251 -15.29 15.67 -15.93
C ILE A 251 -16.22 15.13 -17.03
N SER A 252 -16.08 13.84 -17.41
CA SER A 252 -16.82 13.22 -18.54
C SER A 252 -18.14 12.61 -18.08
N SER A 253 -18.24 12.22 -16.80
CA SER A 253 -19.47 11.61 -16.22
C SER A 253 -20.50 12.72 -15.97
N GLU A 254 -21.64 12.68 -16.66
CA GLU A 254 -22.75 13.64 -16.49
C GLU A 254 -23.39 13.49 -15.10
N SER A 255 -23.51 12.27 -14.59
CA SER A 255 -23.99 12.02 -13.19
C SER A 255 -23.17 12.86 -12.21
N ALA A 256 -21.84 12.71 -12.24
CA ALA A 256 -20.89 13.35 -11.30
C ALA A 256 -20.94 14.87 -11.46
N ARG A 257 -20.94 15.36 -12.69
CA ARG A 257 -20.92 16.82 -12.94
C ARG A 257 -22.24 17.42 -12.39
N ASN A 258 -23.37 16.76 -12.67
CA ASN A 258 -24.72 17.22 -12.23
C ASN A 258 -24.74 17.33 -10.70
N TYR A 259 -24.30 16.27 -10.02
CA TYR A 259 -24.19 16.20 -8.55
C TYR A 259 -23.28 17.32 -8.02
N ILE A 260 -22.05 17.45 -8.52
CA ILE A 260 -21.13 18.56 -8.12
C ILE A 260 -21.83 19.91 -8.27
N GLN A 261 -22.37 20.19 -9.45
CA GLN A 261 -22.93 21.53 -9.78
C GLN A 261 -24.26 21.76 -9.04
N SER A 262 -24.84 20.71 -8.43
CA SER A 262 -26.10 20.77 -7.64
C SER A 262 -25.81 21.11 -6.17
N LEU A 263 -24.55 21.09 -5.75
CA LEU A 263 -24.14 21.53 -4.39
C LEU A 263 -24.01 23.06 -4.39
N ALA A 264 -24.32 23.70 -3.25
CA ALA A 264 -23.96 25.09 -2.90
C ALA A 264 -22.43 25.22 -2.86
N GLN A 265 -21.88 26.29 -3.46
CA GLN A 265 -20.41 26.50 -3.61
C GLN A 265 -19.74 26.63 -2.25
N MET A 266 -18.51 26.13 -2.14
CA MET A 266 -17.60 26.23 -0.96
C MET A 266 -16.26 26.75 -1.44
N PRO A 267 -15.65 27.74 -0.73
CA PRO A 267 -14.34 28.27 -1.11
C PRO A 267 -13.22 27.36 -0.58
N LYS A 268 -12.05 27.37 -1.22
CA LYS A 268 -10.84 26.71 -0.70
C LYS A 268 -10.44 27.37 0.63
N MET A 269 -10.09 26.59 1.64
CA MET A 269 -9.56 27.15 2.89
C MET A 269 -8.04 27.42 2.74
N ASN A 270 -7.55 28.38 3.49
CA ASN A 270 -6.10 28.51 3.76
CA ASN A 270 -6.12 28.56 3.80
C ASN A 270 -5.68 27.39 4.71
N PHE A 271 -4.86 26.49 4.21
CA PHE A 271 -4.37 25.33 5.01
C PHE A 271 -3.65 25.80 6.28
N ALA A 272 -3.08 26.99 6.27
CA ALA A 272 -2.33 27.52 7.43
C ALA A 272 -3.30 27.81 8.59
N ASN A 273 -4.56 28.04 8.29
CA ASN A 273 -5.66 28.33 9.25
C ASN A 273 -6.28 27.01 9.73
N VAL A 274 -5.95 25.87 9.10
CA VAL A 274 -6.45 24.52 9.51
C VAL A 274 -5.38 23.78 10.33
N PHE A 275 -4.14 23.76 9.86
CA PHE A 275 -3.05 22.98 10.50
C PHE A 275 -2.22 23.93 11.40
N ILE A 276 -2.86 24.60 12.34
CA ILE A 276 -2.25 25.81 13.00
C ILE A 276 -1.06 25.34 13.85
N GLY A 277 0.08 26.03 13.76
CA GLY A 277 1.34 25.75 14.49
C GLY A 277 2.10 24.53 13.96
N ALA A 278 1.74 24.02 12.78
CA ALA A 278 2.58 23.05 12.04
C ALA A 278 3.75 23.79 11.38
N ASN A 279 4.81 23.08 11.06
CA ASN A 279 5.93 23.58 10.21
C ASN A 279 5.35 24.10 8.87
N PRO A 280 5.54 25.39 8.55
CA PRO A 280 5.05 25.95 7.29
C PRO A 280 5.48 25.20 6.00
N LEU A 281 6.64 24.59 5.99
CA LEU A 281 7.06 23.74 4.86
C LEU A 281 6.21 22.45 4.80
N ALA A 282 5.73 21.93 5.95
CA ALA A 282 4.80 20.76 5.99
C ALA A 282 3.43 21.18 5.41
N VAL A 283 2.96 22.38 5.76
CA VAL A 283 1.67 22.92 5.27
C VAL A 283 1.76 23.13 3.76
N ASP A 284 2.88 23.69 3.27
CA ASP A 284 3.08 23.92 1.81
C ASP A 284 3.00 22.57 1.07
N LEU A 285 3.62 21.53 1.60
CA LEU A 285 3.63 20.24 0.88
C LEU A 285 2.21 19.65 0.88
N LEU A 286 1.44 19.80 1.98
CA LEU A 286 0.04 19.31 2.04
C LEU A 286 -0.82 20.04 0.98
N GLU A 287 -0.63 21.34 0.80
CA GLU A 287 -1.32 22.10 -0.27
C GLU A 287 -0.98 21.52 -1.68
N LYS A 288 0.22 20.98 -1.90
CA LYS A 288 0.63 20.44 -3.23
C LYS A 288 0.06 19.01 -3.41
N MET A 289 -0.21 18.30 -2.30
CA MET A 289 -0.71 16.88 -2.39
C MET A 289 -2.25 16.84 -2.44
N LEU A 290 -2.95 17.70 -1.72
CA LEU A 290 -4.43 17.61 -1.56
C LEU A 290 -5.13 18.59 -2.54
N VAL A 291 -4.89 18.42 -3.84
CA VAL A 291 -5.51 19.18 -4.96
C VAL A 291 -6.43 18.24 -5.72
N LEU A 292 -7.65 18.66 -6.09
CA LEU A 292 -8.64 17.76 -6.78
C LEU A 292 -8.15 17.36 -8.16
N ASP A 293 -7.55 18.29 -8.89
CA ASP A 293 -7.11 18.06 -10.28
C ASP A 293 -5.87 17.15 -10.30
N SER A 294 -6.06 15.93 -10.80
CA SER A 294 -5.05 14.85 -10.84
C SER A 294 -3.94 15.22 -11.82
N ASP A 295 -4.17 16.20 -12.69
CA ASP A 295 -3.09 16.64 -13.60
C ASP A 295 -2.15 17.60 -12.84
N LYS A 296 -2.61 18.20 -11.74
CA LYS A 296 -1.87 19.31 -11.05
C LYS A 296 -1.22 18.80 -9.74
N ARG A 297 -1.61 17.61 -9.28
CA ARG A 297 -1.15 17.07 -7.97
C ARG A 297 0.34 16.77 -8.12
N ILE A 298 1.12 17.03 -7.08
CA ILE A 298 2.59 16.72 -7.05
C ILE A 298 2.81 15.20 -7.23
N THR A 299 3.87 14.79 -7.94
CA THR A 299 4.27 13.36 -8.11
C THR A 299 5.17 12.93 -6.91
N ALA A 300 5.46 11.64 -6.77
CA ALA A 300 6.42 11.19 -5.72
C ALA A 300 7.83 11.75 -6.00
N ALA A 301 8.30 11.72 -7.25
CA ALA A 301 9.65 12.19 -7.63
C ALA A 301 9.79 13.69 -7.35
N GLN A 302 8.78 14.50 -7.67
CA GLN A 302 8.77 15.96 -7.40
C GLN A 302 8.73 16.21 -5.87
N ALA A 303 8.00 15.41 -5.12
CA ALA A 303 7.81 15.65 -3.69
C ALA A 303 9.13 15.38 -2.94
N LEU A 304 9.93 14.42 -3.39
CA LEU A 304 11.23 14.09 -2.73
C LEU A 304 12.18 15.32 -2.75
N ALA A 305 12.09 16.15 -3.78
CA ALA A 305 12.91 17.40 -3.97
C ALA A 305 12.31 18.58 -3.21
N HIS A 306 11.19 18.44 -2.53
CA HIS A 306 10.54 19.55 -1.77
C HIS A 306 11.40 19.93 -0.53
N ALA A 307 11.39 21.21 -0.12
CA ALA A 307 12.27 21.74 0.96
C ALA A 307 12.00 21.03 2.30
N TYR A 308 10.79 20.49 2.53
CA TYR A 308 10.43 19.78 3.76
C TYR A 308 11.40 18.63 4.00
N PHE A 309 12.00 18.07 2.94
CA PHE A 309 12.84 16.84 3.08
C PHE A 309 14.35 17.15 2.97
N ALA A 310 14.76 18.42 3.07
CA ALA A 310 16.18 18.87 2.96
C ALA A 310 17.15 17.99 3.78
N GLN A 311 16.78 17.54 4.97
CA GLN A 311 17.68 16.72 5.87
C GLN A 311 17.94 15.32 5.28
N TYR A 312 17.08 14.80 4.37
CA TYR A 312 17.07 13.37 3.95
C TYR A 312 17.31 13.19 2.44
N HIS A 313 16.88 14.14 1.59
CA HIS A 313 16.89 14.03 0.10
C HIS A 313 18.32 13.79 -0.42
N ASP A 314 18.49 12.70 -1.16
CA ASP A 314 19.74 12.39 -1.92
C ASP A 314 19.34 11.88 -3.29
N PRO A 315 19.46 12.74 -4.34
CA PRO A 315 19.02 12.39 -5.68
C PRO A 315 19.83 11.25 -6.25
N ASP A 316 20.94 10.87 -5.63
CA ASP A 316 21.80 9.75 -6.08
C ASP A 316 21.40 8.44 -5.38
N ASP A 317 20.39 8.44 -4.48
CA ASP A 317 19.96 7.20 -3.77
C ASP A 317 18.42 7.19 -3.63
N GLU A 318 17.72 7.49 -4.72
CA GLU A 318 16.24 7.39 -4.87
C GLU A 318 15.97 6.61 -6.16
N PRO A 319 16.27 5.31 -6.21
CA PRO A 319 16.26 4.58 -7.48
C PRO A 319 14.89 4.28 -8.06
N VAL A 320 14.84 4.06 -9.38
CA VAL A 320 13.62 3.56 -10.09
C VAL A 320 13.69 2.04 -10.16
N ALA A 321 12.59 1.41 -10.59
CA ALA A 321 12.46 -0.07 -10.69
C ALA A 321 12.81 -0.54 -12.10
N ASP A 322 13.11 -1.83 -12.25
CA ASP A 322 13.09 -2.53 -13.54
C ASP A 322 11.65 -2.51 -14.06
N PRO A 323 11.43 -2.58 -15.39
CA PRO A 323 10.08 -2.70 -15.93
C PRO A 323 9.39 -4.00 -15.51
N TYR A 324 8.07 -3.87 -15.32
CA TYR A 324 7.13 -4.91 -14.86
C TYR A 324 6.17 -5.19 -16.00
N ASP A 325 6.05 -6.45 -16.37
CA ASP A 325 5.10 -6.90 -17.41
C ASP A 325 3.73 -7.15 -16.79
N GLN A 326 2.80 -6.22 -16.93
CA GLN A 326 1.41 -6.37 -16.41
C GLN A 326 0.42 -6.74 -17.53
N SER A 327 0.89 -7.32 -18.63
CA SER A 327 0.01 -7.76 -19.75
C SER A 327 -0.99 -8.82 -19.26
N PHE A 328 -0.65 -9.62 -18.25
CA PHE A 328 -1.57 -10.66 -17.73
C PHE A 328 -2.89 -10.02 -17.24
N GLU A 329 -2.88 -8.74 -16.84
CA GLU A 329 -4.06 -8.12 -16.17
C GLU A 329 -5.24 -8.09 -17.16
N SER A 330 -4.95 -8.03 -18.45
CA SER A 330 -5.99 -7.95 -19.52
C SER A 330 -6.47 -9.36 -19.96
N ARG A 331 -5.88 -10.46 -19.45
CA ARG A 331 -6.23 -11.85 -19.89
C ARG A 331 -7.38 -12.48 -19.06
N ASP A 332 -8.22 -13.24 -19.75
CA ASP A 332 -9.31 -14.07 -19.17
C ASP A 332 -8.99 -15.55 -19.43
N LEU A 333 -8.51 -16.26 -18.40
CA LEU A 333 -7.99 -17.64 -18.47
C LEU A 333 -8.81 -18.53 -17.51
N LEU A 334 -8.65 -19.86 -17.64
CA LEU A 334 -9.34 -20.88 -16.81
C LEU A 334 -8.56 -21.10 -15.51
N ILE A 335 -9.17 -21.68 -14.49
CA ILE A 335 -8.49 -21.89 -13.17
C ILE A 335 -7.14 -22.61 -13.40
N ASP A 336 -7.13 -23.70 -14.16
CA ASP A 336 -5.94 -24.59 -14.25
C ASP A 336 -4.79 -23.85 -14.96
N GLU A 337 -5.13 -22.90 -15.84
CA GLU A 337 -4.13 -22.02 -16.54
C GLU A 337 -3.46 -21.06 -15.53
N TRP A 338 -4.24 -20.27 -14.76
CA TRP A 338 -3.69 -19.38 -13.71
C TRP A 338 -2.91 -20.24 -12.68
N LYS A 339 -3.35 -21.44 -12.39
CA LYS A 339 -2.65 -22.34 -11.44
C LYS A 339 -1.29 -22.76 -12.00
N SER A 340 -1.21 -23.16 -13.27
CA SER A 340 0.07 -23.56 -13.93
C SER A 340 1.06 -22.37 -14.01
N LEU A 341 0.52 -21.16 -14.28
CA LEU A 341 1.36 -19.95 -14.33
C LEU A 341 1.96 -19.69 -12.94
N THR A 342 1.18 -19.80 -11.89
CA THR A 342 1.63 -19.58 -10.51
C THR A 342 2.69 -20.66 -10.21
N TYR A 343 2.43 -21.95 -10.53
CA TYR A 343 3.43 -23.04 -10.29
C TYR A 343 4.81 -22.68 -10.92
N ASP A 344 4.81 -22.22 -12.18
CA ASP A 344 6.03 -21.82 -12.92
C ASP A 344 6.83 -20.78 -12.09
N GLU A 345 6.14 -19.79 -11.49
CA GLU A 345 6.78 -18.68 -10.73
C GLU A 345 7.33 -19.18 -9.36
N VAL A 346 6.70 -20.17 -8.75
CA VAL A 346 7.22 -20.80 -7.51
C VAL A 346 8.55 -21.51 -7.89
N ILE A 347 8.57 -22.23 -9.00
CA ILE A 347 9.72 -23.14 -9.40
C ILE A 347 10.92 -22.27 -9.79
N SER A 348 10.66 -21.12 -10.41
CA SER A 348 11.69 -20.23 -11.00
C SER A 348 12.24 -19.21 -9.99
N PHE A 349 11.72 -19.19 -8.73
CA PHE A 349 12.08 -18.19 -7.68
C PHE A 349 13.56 -18.30 -7.34
N VAL A 350 14.31 -17.20 -7.36
CA VAL A 350 15.75 -17.11 -6.87
C VAL A 350 15.79 -16.29 -5.58
N PRO A 351 16.15 -16.87 -4.42
CA PRO A 351 16.21 -16.12 -3.18
C PRO A 351 17.21 -14.97 -3.25
N PRO A 352 17.03 -13.92 -2.43
CA PRO A 352 17.92 -12.76 -2.45
C PRO A 352 19.18 -13.07 -1.65
N PRO A 353 20.25 -12.27 -1.81
CA PRO A 353 21.45 -12.40 -0.96
C PRO A 353 21.15 -12.36 0.55
N LEU A 354 21.87 -13.17 1.36
CA LEU A 354 21.55 -13.48 2.79
C LEU A 354 21.35 -12.18 3.59
C1 EDO B . -7.24 18.44 10.84
O1 EDO B . -8.08 17.46 11.39
C2 EDO B . -7.09 19.60 11.74
O2 EDO B . -7.74 19.40 12.99
C1 EDO C . 2.55 18.14 -10.89
O1 EDO C . 3.21 19.15 -10.13
C2 EDO C . 2.55 18.40 -12.35
O2 EDO C . 3.47 17.58 -13.07
C1 EDO D . 11.94 21.17 7.23
O1 EDO D . 12.07 22.17 8.21
C2 EDO D . 13.21 20.82 6.55
O2 EDO D . 14.31 20.74 7.43
C1 EDO E . -10.95 20.14 6.95
O1 EDO E . -12.11 20.96 7.13
C2 EDO E . -10.18 19.86 8.18
O2 EDO E . -11.00 19.61 9.30
N1 LB8 F . 5.16 -7.66 8.98
C2 LB8 F . 3.15 -11.62 2.34
O2 LB8 F . 2.30 -7.06 1.10
N3 LB8 F . 1.35 -8.64 -0.21
C4 LB8 F . 2.57 -9.35 1.79
N4 LB8 F . -1.47 -8.02 -0.86
C5 LB8 F . 3.02 -8.96 3.04
C6 LB8 F . 3.53 -9.90 3.94
C18 LB8 F . 2.05 -8.26 0.87
C19 LB8 F . 0.92 -7.67 -1.22
C28 LB8 F . -0.48 -8.07 -1.74
O1 LB8 F . -0.61 -8.45 -2.90
C20 LB8 F . 2.00 -7.58 -2.31
C21 LB8 F . 2.01 -6.49 -3.40
C22 LB8 F . 1.99 -5.01 -2.91
C27 LB8 F . 1.97 -4.07 -4.10
C26 LB8 F . 2.03 -2.61 -3.69
C25 LB8 F . 3.23 -2.31 -2.81
C24 LB8 F . 3.25 -3.21 -1.60
C23 LB8 F . 3.20 -4.69 -2.02
C3 LB8 F . 2.64 -10.69 1.44
C1 LB8 F . 3.59 -11.25 3.60
C LB8 F . 4.08 -12.30 4.60
N LB8 F . 3.90 -9.49 5.27
C7 LB8 F . 3.09 -8.90 6.14
O LB8 F . 1.89 -8.73 5.94
C8 LB8 F . 3.71 -8.46 7.44
C16 LB8 F . 2.98 -8.01 8.54
C17 LB8 F . 1.50 -8.02 8.78
F2 LB8 F . 1.20 -7.86 10.07
F1 LB8 F . 0.84 -7.03 8.11
F LB8 F . 0.95 -9.15 8.42
N2 LB8 F . 3.88 -7.54 9.44
C9 LB8 F . 5.05 -8.24 7.79
C10 LB8 F . 3.66 -6.82 10.65
C15 LB8 F . 3.95 -7.41 11.87
C14 LB8 F . 3.72 -6.71 13.05
C13 LB8 F . 3.18 -5.43 13.01
C12 LB8 F . 2.87 -4.85 11.79
C11 LB8 F . 3.11 -5.54 10.61
#